data_3IQW
#
_entry.id   3IQW
#
_cell.length_a   46.570
_cell.length_b   105.730
_cell.length_c   136.930
_cell.angle_alpha   90.00
_cell.angle_beta   90.00
_cell.angle_gamma   90.00
#
_symmetry.space_group_name_H-M   'P 21 21 21'
#
loop_
_entity.id
_entity.type
_entity.pdbx_description
1 polymer 'Tail-anchored protein targeting factor Get3'
2 non-polymer 'PHOSPHOAMINOPHOSPHONIC ACID-ADENYLATE ESTER'
3 non-polymer 'MAGNESIUM ION'
4 non-polymer 'ZINC ION'
5 water water
#
_entity_poly.entity_id   1
_entity_poly.type   'polypeptide(L)'
_entity_poly.pdbx_seq_one_letter_code
;MSMEPTLQSILDQRSLRWIFVGGKGGVGKTTTSCSLAIQLAKVRRSVLLLSTDPAHNLSDAFSQKFGKEARLVEGFDNLY
AMEIDPNGSMQDLLAGQTGDGDAGMGGVGVMQDLAYAIPGIDEAMSFAEVLKQVNSLSYETIVFDTAPTGHTLRFLQFPT
VLEKALAKVSQLSGQYGSLLNGILGGSGTLPNGQTLSDVMEKLDSLRVTISEVNAQFKDERLTTFVCVCIPEFLSLYETE
RMIQELANYGIDTHCIVVNQLLFPKPGSDCEQCTARRRMQKKYLDQIEELYDEEFNVVKMPLLVEEVRGKERLEKFSEML
IKPFVPPEHHHHHH
;
_entity_poly.pdbx_strand_id   A,B
#
loop_
_chem_comp.id
_chem_comp.type
_chem_comp.name
_chem_comp.formula
ANP non-polymer 'PHOSPHOAMINOPHOSPHONIC ACID-ADENYLATE ESTER' 'C10 H17 N6 O12 P3'
MG non-polymer 'MAGNESIUM ION' 'Mg 2'
ZN non-polymer 'ZINC ION' 'Zn 2'
#
# COMPACT_ATOMS: atom_id res chain seq x y z
N SER A 2 26.61 -11.93 13.69
CA SER A 2 25.98 -11.03 12.64
C SER A 2 25.93 -11.66 11.21
N MET A 3 25.16 -11.05 10.35
CA MET A 3 24.88 -11.75 9.13
C MET A 3 25.07 -10.89 7.92
N GLU A 4 25.59 -11.51 6.87
CA GLU A 4 25.91 -10.78 5.69
C GLU A 4 24.67 -10.03 5.24
N PRO A 5 24.80 -8.70 4.98
CA PRO A 5 23.69 -7.83 4.58
C PRO A 5 23.28 -7.97 3.11
N THR A 6 22.97 -9.19 2.66
CA THR A 6 22.76 -9.50 1.24
C THR A 6 21.83 -10.71 1.06
N LEU A 7 21.38 -10.97 -0.15
CA LEU A 7 20.48 -12.10 -0.34
C LEU A 7 21.19 -13.28 -1.02
N GLN A 8 22.51 -13.33 -0.83
CA GLN A 8 23.31 -14.42 -1.36
C GLN A 8 22.73 -15.76 -0.92
N SER A 9 22.33 -15.85 0.36
CA SER A 9 21.80 -17.12 0.89
C SER A 9 20.60 -17.58 0.11
N ILE A 10 19.70 -16.67 -0.23
CA ILE A 10 18.58 -17.08 -1.05
C ILE A 10 19.12 -17.72 -2.31
N LEU A 11 20.05 -17.09 -3.01
CA LEU A 11 20.57 -17.76 -4.19
C LEU A 11 21.20 -19.10 -3.85
N ASP A 12 21.74 -19.25 -2.67
CA ASP A 12 22.49 -20.48 -2.39
C ASP A 12 21.60 -21.61 -1.92
N GLN A 13 20.38 -21.26 -1.54
CA GLN A 13 19.45 -22.16 -0.88
C GLN A 13 18.58 -22.80 -1.94
N ARG A 14 19.12 -23.85 -2.52
CA ARG A 14 18.61 -24.38 -3.73
C ARG A 14 17.29 -25.13 -3.70
N SER A 15 16.87 -25.61 -2.53
CA SER A 15 15.57 -26.21 -2.40
C SER A 15 14.43 -25.21 -2.40
N LEU A 16 14.70 -23.93 -2.16
CA LEU A 16 13.63 -22.98 -2.09
C LEU A 16 12.80 -23.06 -3.35
N ARG A 17 11.51 -23.20 -3.13
CA ARG A 17 10.53 -23.31 -4.19
C ARG A 17 9.60 -22.10 -4.21
N TRP A 18 9.25 -21.61 -3.01
CA TRP A 18 8.31 -20.49 -2.85
C TRP A 18 8.92 -19.39 -2.04
N ILE A 19 9.19 -18.25 -2.68
CA ILE A 19 9.70 -17.08 -1.96
C ILE A 19 8.68 -15.93 -1.98
N PHE A 20 8.09 -15.65 -0.83
CA PHE A 20 7.07 -14.61 -0.68
C PHE A 20 7.65 -13.24 -0.34
N VAL A 21 7.24 -12.20 -1.08
CA VAL A 21 7.74 -10.88 -0.79
C VAL A 21 6.67 -10.05 -0.15
N GLY A 22 6.88 -9.58 1.07
CA GLY A 22 5.81 -8.95 1.85
C GLY A 22 6.26 -7.65 2.47
N GLY A 23 5.32 -6.85 3.00
CA GLY A 23 5.61 -5.49 3.50
C GLY A 23 4.47 -4.50 3.32
N LYS A 24 4.50 -3.35 4.02
CA LYS A 24 3.45 -2.32 3.88
C LYS A 24 3.34 -1.80 2.46
N GLY A 25 2.18 -1.23 2.16
CA GLY A 25 2.00 -0.68 0.85
C GLY A 25 3.04 0.36 0.53
N GLY A 26 3.62 0.24 -0.64
CA GLY A 26 4.47 1.27 -1.14
C GLY A 26 5.93 1.07 -0.83
N VAL A 27 6.27 0.13 0.02
CA VAL A 27 7.66 0.05 0.44
C VAL A 27 8.59 -0.40 -0.66
N GLY A 28 8.05 -1.04 -1.69
CA GLY A 28 8.88 -1.53 -2.79
C GLY A 28 8.83 -3.05 -2.89
N LYS A 29 7.65 -3.60 -2.64
CA LYS A 29 7.51 -5.02 -2.73
C LYS A 29 7.72 -5.51 -4.15
N THR A 30 6.95 -5.02 -5.11
CA THR A 30 7.23 -5.37 -6.52
C THR A 30 8.69 -5.14 -7.02
N THR A 31 9.18 -3.91 -6.90
CA THR A 31 10.54 -3.61 -7.26
C THR A 31 11.50 -4.65 -6.70
N THR A 32 11.25 -5.17 -5.50
CA THR A 32 12.12 -6.19 -4.98
C THR A 32 11.86 -7.57 -5.61
N SER A 33 10.63 -8.06 -5.55
CA SER A 33 10.25 -9.27 -6.26
C SER A 33 10.91 -9.33 -7.63
N CYS A 34 10.60 -8.39 -8.49
CA CYS A 34 11.33 -8.31 -9.74
C CYS A 34 12.83 -8.49 -9.61
N SER A 35 13.47 -7.58 -8.87
CA SER A 35 14.91 -7.64 -8.70
C SER A 35 15.37 -9.04 -8.29
N LEU A 36 14.74 -9.57 -7.23
CA LEU A 36 15.09 -10.86 -6.71
C LEU A 36 15.02 -11.94 -7.79
N ALA A 37 13.97 -11.91 -8.59
CA ALA A 37 13.79 -12.97 -9.56
C ALA A 37 14.90 -12.87 -10.57
N ILE A 38 15.17 -11.65 -11.03
CA ILE A 38 16.29 -11.44 -11.99
C ILE A 38 17.60 -12.08 -11.48
N GLN A 39 17.88 -11.87 -10.22
CA GLN A 39 19.07 -12.44 -9.67
C GLN A 39 18.99 -13.98 -9.66
N LEU A 40 17.88 -14.54 -9.19
CA LEU A 40 17.75 -15.99 -9.07
C LEU A 40 17.86 -16.59 -10.45
N ALA A 41 17.23 -15.95 -11.42
CA ALA A 41 17.09 -16.51 -12.75
C ALA A 41 18.47 -16.65 -13.28
N LYS A 42 19.40 -16.01 -12.60
CA LYS A 42 20.71 -16.00 -13.15
C LYS A 42 21.42 -17.28 -12.70
N VAL A 43 20.83 -17.99 -11.75
CA VAL A 43 21.48 -19.11 -11.10
C VAL A 43 20.41 -20.15 -10.80
N ARG A 44 19.39 -20.21 -11.65
CA ARG A 44 18.45 -21.32 -11.62
C ARG A 44 18.07 -21.71 -13.02
N ARG A 45 17.48 -22.88 -13.13
CA ARG A 45 17.08 -23.38 -14.41
C ARG A 45 16.01 -22.47 -14.98
N SER A 46 15.14 -21.95 -14.13
CA SER A 46 14.10 -21.06 -14.58
C SER A 46 13.46 -20.58 -13.31
N VAL A 47 12.74 -19.46 -13.41
CA VAL A 47 12.11 -18.75 -12.28
C VAL A 47 10.78 -18.06 -12.67
N LEU A 48 9.78 -18.19 -11.83
CA LEU A 48 8.52 -17.67 -12.23
C LEU A 48 8.28 -16.56 -11.28
N LEU A 49 7.77 -15.45 -11.80
CA LEU A 49 7.48 -14.27 -11.02
C LEU A 49 6.00 -14.14 -11.05
N LEU A 50 5.36 -14.35 -9.91
CA LEU A 50 3.93 -14.51 -9.88
C LEU A 50 3.32 -13.42 -9.06
N SER A 51 2.48 -12.58 -9.67
CA SER A 51 1.86 -11.50 -8.93
C SER A 51 0.36 -11.69 -8.80
N THR A 52 -0.14 -11.53 -7.57
CA THR A 52 -1.58 -11.58 -7.32
C THR A 52 -2.20 -10.19 -7.16
N ASP A 53 -1.37 -9.15 -7.04
CA ASP A 53 -2.01 -7.86 -6.88
C ASP A 53 -3.03 -7.71 -8.02
N PRO A 54 -4.28 -7.41 -7.65
CA PRO A 54 -5.31 -7.10 -8.67
C PRO A 54 -4.74 -5.95 -9.49
N ALA A 55 -3.69 -5.36 -8.95
CA ALA A 55 -2.87 -4.44 -9.71
C ALA A 55 -2.02 -5.17 -10.82
N HIS A 56 -1.92 -4.53 -11.97
CA HIS A 56 -1.02 -5.02 -13.00
C HIS A 56 0.37 -4.41 -12.82
N ASN A 57 0.98 -4.52 -11.62
CA ASN A 57 2.28 -3.86 -11.43
C ASN A 57 3.51 -4.58 -12.02
N LEU A 58 3.40 -5.88 -12.22
CA LEU A 58 4.43 -6.63 -12.93
C LEU A 58 4.64 -6.13 -14.35
N SER A 59 3.55 -5.93 -15.07
CA SER A 59 3.71 -5.45 -16.41
C SER A 59 4.22 -4.03 -16.32
N ASP A 60 3.73 -3.28 -15.37
CA ASP A 60 4.18 -1.90 -15.31
C ASP A 60 5.68 -1.89 -15.06
N ALA A 61 6.12 -2.80 -14.20
CA ALA A 61 7.52 -2.85 -13.82
C ALA A 61 8.40 -3.08 -15.02
N PHE A 62 7.95 -3.92 -15.93
CA PHE A 62 8.77 -4.36 -17.03
C PHE A 62 8.31 -3.79 -18.36
N SER A 63 7.37 -2.86 -18.34
CA SER A 63 6.81 -2.37 -19.59
C SER A 63 6.55 -3.51 -20.56
N GLN A 64 5.79 -4.49 -20.10
CA GLN A 64 5.41 -5.64 -20.91
C GLN A 64 4.14 -6.29 -20.38
N LYS A 65 3.26 -6.68 -21.29
CA LYS A 65 1.92 -7.12 -20.94
C LYS A 65 2.01 -8.51 -20.36
N PHE A 66 1.70 -8.70 -19.08
CA PHE A 66 1.60 -10.07 -18.55
C PHE A 66 0.18 -10.41 -18.26
N GLY A 67 -0.04 -11.65 -17.84
CA GLY A 67 -1.39 -12.17 -17.72
C GLY A 67 -1.43 -13.51 -17.03
N LYS A 68 -2.59 -14.16 -17.06
CA LYS A 68 -2.80 -15.38 -16.27
C LYS A 68 -2.06 -16.56 -16.88
N GLU A 69 -1.36 -16.27 -17.95
CA GLU A 69 -0.64 -17.21 -18.74
C GLU A 69 0.80 -16.85 -18.61
N ALA A 70 1.61 -17.74 -18.08
CA ALA A 70 3.00 -17.36 -17.89
C ALA A 70 3.62 -16.99 -19.21
N ARG A 71 4.52 -16.01 -19.21
CA ARG A 71 5.39 -15.82 -20.36
C ARG A 71 6.79 -15.31 -20.06
N LEU A 72 7.64 -15.47 -21.07
CA LEU A 72 9.05 -15.13 -20.93
C LEU A 72 9.17 -13.64 -20.83
N VAL A 73 9.89 -13.17 -19.84
CA VAL A 73 10.14 -11.74 -19.72
C VAL A 73 11.11 -11.32 -20.81
N GLU A 74 10.76 -10.32 -21.61
CA GLU A 74 11.61 -9.89 -22.70
C GLU A 74 13.00 -9.55 -22.27
N GLY A 75 14.00 -10.15 -22.90
CA GLY A 75 15.37 -9.88 -22.52
C GLY A 75 16.00 -10.95 -21.65
N PHE A 76 15.23 -11.95 -21.26
CA PHE A 76 15.69 -13.12 -20.51
C PHE A 76 15.26 -14.38 -21.26
N ASP A 77 15.86 -15.51 -20.98
CA ASP A 77 15.42 -16.71 -21.65
C ASP A 77 15.08 -17.77 -20.65
N ASN A 78 15.04 -17.33 -19.42
CA ASN A 78 14.95 -18.08 -18.23
C ASN A 78 13.85 -17.62 -17.25
N LEU A 79 13.41 -16.35 -17.38
CA LEU A 79 12.52 -15.72 -16.39
C LEU A 79 11.12 -15.53 -16.94
N TYR A 80 10.10 -15.96 -16.19
CA TYR A 80 8.72 -15.85 -16.67
C TYR A 80 7.93 -15.08 -15.65
N ALA A 81 6.80 -14.54 -16.05
CA ALA A 81 5.96 -13.87 -15.09
C ALA A 81 4.52 -14.10 -15.40
N MET A 82 3.71 -14.08 -14.36
CA MET A 82 2.29 -14.09 -14.57
C MET A 82 1.54 -13.22 -13.59
N GLU A 83 0.36 -12.80 -13.99
CA GLU A 83 -0.52 -12.01 -13.17
C GLU A 83 -1.91 -12.62 -13.13
N ILE A 84 -2.34 -13.07 -11.96
CA ILE A 84 -3.66 -13.67 -11.83
C ILE A 84 -4.56 -12.97 -10.82
N ASP A 85 -5.76 -13.56 -10.67
CA ASP A 85 -6.74 -13.20 -9.63
C ASP A 85 -7.42 -14.44 -8.97
N PRO A 86 -6.88 -14.93 -7.83
CA PRO A 86 -7.48 -16.05 -7.09
C PRO A 86 -9.00 -16.09 -7.26
N PRO A 119 -17.79 -15.76 4.66
CA PRO A 119 -16.47 -15.19 4.94
C PRO A 119 -15.55 -15.20 3.71
N GLY A 120 -14.26 -14.86 3.89
CA GLY A 120 -13.28 -14.87 2.80
C GLY A 120 -12.70 -16.26 2.54
N ILE A 121 -13.53 -17.26 2.80
CA ILE A 121 -13.13 -18.66 2.80
C ILE A 121 -12.65 -19.23 1.47
N ASP A 122 -13.62 -19.63 0.63
CA ASP A 122 -13.26 -20.22 -0.64
C ASP A 122 -12.05 -19.49 -1.21
N GLU A 123 -12.13 -18.16 -1.26
CA GLU A 123 -11.08 -17.35 -1.89
C GLU A 123 -9.70 -17.69 -1.36
N ALA A 124 -9.59 -17.83 -0.05
CA ALA A 124 -8.39 -18.42 0.51
C ALA A 124 -8.33 -19.84 -0.02
N MET A 125 -9.51 -20.44 -0.16
CA MET A 125 -9.59 -21.76 -0.75
C MET A 125 -9.00 -21.70 -2.14
N SER A 126 -9.49 -20.77 -2.97
CA SER A 126 -8.95 -20.54 -4.31
C SER A 126 -7.48 -20.26 -4.27
N PHE A 127 -7.06 -19.38 -3.37
CA PHE A 127 -5.64 -19.07 -3.27
C PHE A 127 -4.83 -20.34 -3.21
N ALA A 128 -5.36 -21.35 -2.53
CA ALA A 128 -4.62 -22.61 -2.41
C ALA A 128 -4.57 -23.33 -3.74
N GLU A 129 -5.65 -23.29 -4.51
CA GLU A 129 -5.66 -23.89 -5.84
C GLU A 129 -4.61 -23.29 -6.73
N VAL A 130 -4.49 -21.99 -6.71
CA VAL A 130 -3.43 -21.35 -7.46
C VAL A 130 -2.08 -21.89 -7.04
N LEU A 131 -1.81 -21.88 -5.75
CA LEU A 131 -0.53 -22.41 -5.28
C LEU A 131 -0.30 -23.79 -5.80
N LYS A 132 -1.29 -24.67 -5.65
CA LYS A 132 -1.10 -26.04 -6.07
C LYS A 132 -0.84 -26.13 -7.58
N GLN A 133 -1.71 -25.48 -8.35
CA GLN A 133 -1.63 -25.53 -9.78
C GLN A 133 -0.22 -25.16 -10.22
N VAL A 134 0.17 -23.99 -9.80
CA VAL A 134 1.46 -23.45 -10.10
C VAL A 134 2.58 -24.39 -9.71
N ASN A 135 2.57 -24.86 -8.47
CA ASN A 135 3.62 -25.72 -7.97
C ASN A 135 3.98 -26.97 -8.79
N SER A 136 3.05 -27.44 -9.60
CA SER A 136 3.26 -28.61 -10.40
C SER A 136 3.87 -28.25 -11.74
N LEU A 137 4.21 -27.00 -11.98
CA LEU A 137 4.86 -26.66 -13.23
C LEU A 137 6.34 -26.74 -12.99
N SER A 138 7.13 -26.57 -14.04
CA SER A 138 8.50 -27.01 -13.99
C SER A 138 9.46 -25.93 -13.52
N TYR A 139 8.91 -24.77 -13.20
CA TYR A 139 9.70 -23.62 -12.75
C TYR A 139 10.44 -23.92 -11.46
N GLU A 140 11.72 -23.73 -11.47
CA GLU A 140 12.48 -24.26 -10.38
C GLU A 140 12.16 -23.47 -9.13
N THR A 141 11.99 -22.16 -9.27
CA THR A 141 11.73 -21.27 -8.15
C THR A 141 10.61 -20.24 -8.45
N ILE A 142 9.75 -19.98 -7.48
CA ILE A 142 8.68 -19.00 -7.66
C ILE A 142 8.83 -17.85 -6.66
N VAL A 143 8.84 -16.64 -7.17
CA VAL A 143 8.85 -15.44 -6.36
C VAL A 143 7.46 -14.76 -6.43
N PHE A 144 6.75 -14.84 -5.31
CA PHE A 144 5.41 -14.32 -5.20
C PHE A 144 5.43 -12.86 -4.79
N ASP A 145 4.83 -12.02 -5.62
CA ASP A 145 4.58 -10.66 -5.24
C ASP A 145 3.17 -10.64 -4.64
N THR A 146 3.07 -10.42 -3.35
CA THR A 146 1.70 -10.38 -2.83
C THR A 146 1.48 -9.16 -1.94
N ALA A 147 0.21 -8.93 -1.62
CA ALA A 147 -0.29 -7.66 -1.07
C ALA A 147 0.18 -7.35 0.35
N PRO A 148 -0.29 -6.20 0.91
CA PRO A 148 0.05 -5.80 2.28
C PRO A 148 -0.41 -6.85 3.34
N THR A 149 0.31 -6.87 4.47
CA THR A 149 0.18 -7.94 5.49
C THR A 149 -1.24 -8.54 5.51
N GLY A 150 -2.23 -7.65 5.72
CA GLY A 150 -3.63 -8.05 5.75
C GLY A 150 -3.96 -9.23 4.84
N HIS A 151 -3.63 -9.14 3.54
CA HIS A 151 -4.16 -10.09 2.55
C HIS A 151 -3.61 -11.53 2.46
N THR A 152 -2.31 -11.74 2.67
CA THR A 152 -1.87 -13.12 2.75
C THR A 152 -2.36 -13.64 4.10
N LEU A 153 -2.04 -12.90 5.17
CA LEU A 153 -2.35 -13.32 6.54
C LEU A 153 -3.70 -14.03 6.68
N ARG A 154 -4.79 -13.26 6.51
CA ARG A 154 -6.11 -13.84 6.60
C ARG A 154 -6.01 -15.30 6.18
N PHE A 155 -5.51 -15.54 4.96
CA PHE A 155 -5.39 -16.92 4.50
C PHE A 155 -4.57 -17.83 5.43
N LEU A 156 -3.36 -17.41 5.76
CA LEU A 156 -2.54 -18.17 6.69
C LEU A 156 -3.37 -18.53 7.91
N GLN A 157 -4.08 -17.55 8.43
CA GLN A 157 -4.90 -17.78 9.60
C GLN A 157 -5.83 -18.95 9.36
N PHE A 158 -5.98 -19.29 8.09
CA PHE A 158 -7.04 -20.20 7.71
C PHE A 158 -6.88 -21.67 8.10
N PRO A 159 -5.76 -22.31 7.71
CA PRO A 159 -5.67 -23.74 8.05
C PRO A 159 -6.06 -24.06 9.52
N THR A 160 -5.14 -23.81 10.44
CA THR A 160 -5.43 -24.13 11.82
C THR A 160 -6.92 -24.05 12.09
N VAL A 161 -7.55 -22.95 11.67
CA VAL A 161 -8.94 -22.60 12.09
C VAL A 161 -10.04 -23.32 11.29
N LEU A 162 -9.81 -23.45 9.98
CA LEU A 162 -10.64 -24.27 9.11
C LEU A 162 -11.87 -24.85 9.84
N ASP A 198 -21.18 -38.21 -5.02
CA ASP A 198 -20.12 -38.22 -6.03
C ASP A 198 -19.41 -36.87 -6.10
N VAL A 199 -19.82 -35.95 -5.23
CA VAL A 199 -19.27 -34.59 -5.24
C VAL A 199 -18.48 -34.26 -3.96
N MET A 200 -19.02 -34.65 -2.79
CA MET A 200 -18.31 -34.49 -1.52
C MET A 200 -16.84 -34.88 -1.66
N GLU A 201 -16.59 -35.88 -2.51
CA GLU A 201 -15.24 -36.31 -2.86
C GLU A 201 -14.37 -35.08 -3.17
N LYS A 202 -15.03 -33.92 -3.32
CA LYS A 202 -14.26 -32.70 -3.55
C LYS A 202 -14.08 -31.92 -2.25
N LEU A 203 -15.15 -31.83 -1.46
CA LEU A 203 -15.02 -31.29 -0.11
C LEU A 203 -13.69 -31.81 0.44
N ASP A 204 -13.58 -33.14 0.53
CA ASP A 204 -12.36 -33.80 0.97
C ASP A 204 -11.16 -33.40 0.13
N SER A 205 -11.18 -33.69 -1.17
CA SER A 205 -10.03 -33.40 -2.06
C SER A 205 -9.52 -31.97 -1.84
N LEU A 206 -10.27 -31.22 -1.05
CA LEU A 206 -9.93 -29.85 -0.78
C LEU A 206 -9.03 -29.84 0.45
N ARG A 207 -9.59 -30.24 1.59
CA ARG A 207 -8.85 -30.24 2.83
C ARG A 207 -7.46 -30.81 2.56
N VAL A 208 -7.45 -31.82 1.72
CA VAL A 208 -6.24 -32.48 1.35
C VAL A 208 -5.24 -31.53 0.76
N THR A 209 -5.66 -30.75 -0.25
CA THR A 209 -4.71 -29.87 -0.92
C THR A 209 -4.39 -28.68 -0.05
N ILE A 210 -5.20 -28.44 0.98
CA ILE A 210 -4.85 -27.41 1.96
C ILE A 210 -3.78 -27.91 2.93
N SER A 211 -3.88 -29.19 3.28
CA SER A 211 -2.85 -29.88 4.05
C SER A 211 -1.51 -29.69 3.42
N GLU A 212 -1.44 -30.03 2.14
CA GLU A 212 -0.22 -29.94 1.40
C GLU A 212 0.31 -28.51 1.31
N VAL A 213 -0.56 -27.55 1.12
CA VAL A 213 -0.05 -26.21 1.04
C VAL A 213 0.57 -25.91 2.37
N ASN A 214 -0.24 -26.02 3.41
CA ASN A 214 0.19 -25.60 4.73
C ASN A 214 1.45 -26.32 5.14
N ALA A 215 1.59 -27.56 4.70
CA ALA A 215 2.79 -28.35 4.94
C ALA A 215 4.00 -27.65 4.38
N GLN A 216 3.86 -27.19 3.14
CA GLN A 216 4.94 -26.62 2.38
C GLN A 216 5.34 -25.26 2.86
N PHE A 217 4.39 -24.50 3.38
CA PHE A 217 4.70 -23.20 3.89
C PHE A 217 5.57 -23.42 5.09
N LYS A 218 5.38 -24.56 5.75
CA LYS A 218 6.02 -24.79 7.04
C LYS A 218 7.35 -25.51 6.90
N ASP A 219 7.70 -25.85 5.69
CA ASP A 219 8.93 -26.52 5.43
C ASP A 219 9.91 -25.49 5.02
N GLU A 220 10.92 -25.26 5.84
CA GLU A 220 11.82 -24.16 5.57
C GLU A 220 12.76 -24.48 4.43
N ARG A 221 12.76 -25.68 3.92
CA ARG A 221 13.64 -25.87 2.83
C ARG A 221 12.93 -25.39 1.64
N LEU A 222 11.62 -25.25 1.72
CA LEU A 222 10.82 -25.01 0.54
C LEU A 222 10.31 -23.58 0.43
N THR A 223 10.08 -22.93 1.58
CA THR A 223 9.46 -21.59 1.61
C THR A 223 10.16 -20.55 2.53
N THR A 224 10.34 -19.32 2.10
CA THR A 224 10.74 -18.30 3.09
C THR A 224 9.99 -17.06 2.70
N PHE A 225 9.97 -16.12 3.62
CA PHE A 225 9.49 -14.79 3.31
C PHE A 225 10.64 -13.81 3.35
N VAL A 226 10.57 -12.83 2.44
CA VAL A 226 11.41 -11.66 2.49
C VAL A 226 10.57 -10.47 2.95
N CYS A 227 11.00 -9.76 3.99
CA CYS A 227 10.27 -8.58 4.41
C CYS A 227 10.88 -7.34 3.88
N VAL A 228 10.06 -6.53 3.20
CA VAL A 228 10.51 -5.26 2.69
C VAL A 228 9.95 -4.16 3.56
N CYS A 229 10.76 -3.14 3.84
CA CYS A 229 10.25 -2.00 4.57
C CYS A 229 11.11 -0.78 4.26
N ILE A 230 10.62 0.39 4.65
CA ILE A 230 11.41 1.57 4.62
C ILE A 230 11.60 2.04 6.03
N PRO A 231 12.43 3.07 6.20
CA PRO A 231 12.76 3.40 7.56
C PRO A 231 11.81 4.42 8.09
N GLU A 232 10.52 4.13 8.11
CA GLU A 232 9.58 4.97 8.85
C GLU A 232 8.82 4.16 9.89
N PHE A 233 8.14 4.86 10.78
CA PHE A 233 7.56 4.21 11.92
C PHE A 233 6.64 3.05 11.54
N LEU A 234 5.58 3.37 10.81
CA LEU A 234 4.56 2.37 10.51
C LEU A 234 5.11 1.16 9.78
N SER A 235 6.14 1.36 8.97
CA SER A 235 6.62 0.26 8.16
C SER A 235 7.33 -0.70 9.06
N LEU A 236 8.24 -0.22 9.89
CA LEU A 236 8.97 -1.12 10.79
C LEU A 236 8.04 -1.85 11.71
N TYR A 237 6.97 -1.19 12.10
CA TYR A 237 6.10 -1.76 13.07
C TYR A 237 5.37 -2.91 12.48
N GLU A 238 5.03 -2.77 11.21
CA GLU A 238 4.34 -3.84 10.54
C GLU A 238 5.29 -5.02 10.27
N THR A 239 6.52 -4.71 9.90
CA THR A 239 7.55 -5.71 9.75
C THR A 239 7.72 -6.48 11.05
N GLU A 240 7.66 -5.81 12.16
CA GLU A 240 7.71 -6.56 13.38
C GLU A 240 6.56 -7.51 13.42
N ARG A 241 5.36 -7.04 13.15
CA ARG A 241 4.20 -7.87 13.35
C ARG A 241 4.27 -9.07 12.44
N MET A 242 4.77 -8.86 11.25
CA MET A 242 4.79 -9.91 10.27
C MET A 242 5.78 -10.99 10.72
N ILE A 243 7.01 -10.58 11.03
CA ILE A 243 8.02 -11.50 11.51
C ILE A 243 7.47 -12.38 12.62
N GLN A 244 6.73 -11.77 13.52
CA GLN A 244 6.10 -12.42 14.65
C GLN A 244 4.98 -13.37 14.25
N GLU A 245 4.21 -12.98 13.23
CA GLU A 245 3.16 -13.83 12.70
C GLU A 245 3.80 -15.04 12.09
N LEU A 246 4.76 -14.82 11.21
CA LEU A 246 5.37 -15.93 10.52
C LEU A 246 5.94 -16.91 11.53
N ALA A 247 6.47 -16.42 12.64
CA ALA A 247 6.98 -17.28 13.67
C ALA A 247 5.84 -18.12 14.23
N ASN A 248 4.76 -17.46 14.57
CA ASN A 248 3.64 -18.17 15.17
C ASN A 248 3.12 -19.25 14.28
N TYR A 249 3.10 -18.97 12.99
CA TYR A 249 2.65 -19.96 12.01
C TYR A 249 3.74 -20.93 11.65
N GLY A 250 4.95 -20.73 12.19
CA GLY A 250 6.07 -21.59 11.83
C GLY A 250 6.50 -21.48 10.37
N ILE A 251 6.33 -20.29 9.80
CA ILE A 251 6.89 -20.01 8.47
C ILE A 251 8.22 -19.28 8.57
N ASP A 252 9.18 -19.72 7.77
CA ASP A 252 10.53 -19.26 7.89
C ASP A 252 10.73 -17.89 7.35
N THR A 253 11.51 -17.11 8.05
CA THR A 253 11.87 -15.84 7.48
C THR A 253 13.21 -15.41 8.04
N HIS A 254 14.06 -14.87 7.17
CA HIS A 254 15.37 -14.52 7.63
C HIS A 254 16.00 -13.47 6.75
N CYS A 255 15.20 -12.69 6.06
CA CYS A 255 15.73 -11.59 5.30
C CYS A 255 14.91 -10.32 5.43
N ILE A 256 15.55 -9.21 5.79
CA ILE A 256 14.87 -7.93 5.67
C ILE A 256 15.53 -7.09 4.61
N VAL A 257 14.73 -6.53 3.73
CA VAL A 257 15.26 -5.56 2.80
C VAL A 257 14.82 -4.15 3.22
N VAL A 258 15.77 -3.32 3.60
CA VAL A 258 15.39 -1.98 4.01
C VAL A 258 15.62 -1.07 2.83
N ASN A 259 14.52 -0.61 2.27
CA ASN A 259 14.56 0.05 1.03
C ASN A 259 14.47 1.54 1.19
N GLN A 260 14.78 2.25 0.11
CA GLN A 260 14.69 3.72 -0.02
C GLN A 260 15.50 4.49 0.98
N LEU A 261 16.68 3.98 1.32
CA LEU A 261 17.59 4.68 2.20
C LEU A 261 18.29 5.84 1.52
N LEU A 262 18.18 7.02 2.11
CA LEU A 262 18.85 8.20 1.59
C LEU A 262 20.26 8.16 2.14
N PHE A 263 21.27 7.99 1.29
CA PHE A 263 22.65 8.17 1.73
C PHE A 263 23.10 9.51 1.18
N PRO A 264 23.20 10.57 2.01
CA PRO A 264 23.67 11.81 1.39
C PRO A 264 25.01 11.58 0.71
N LYS A 265 25.32 12.36 -0.32
CA LYS A 265 26.65 12.30 -0.90
C LYS A 265 27.68 12.99 0.00
N PRO A 266 28.86 12.36 0.14
CA PRO A 266 29.93 12.65 1.06
C PRO A 266 30.49 13.99 0.71
N GLY A 267 30.64 14.83 1.74
CA GLY A 267 31.13 16.19 1.55
C GLY A 267 30.01 17.14 1.20
N SER A 268 28.89 16.58 0.79
CA SER A 268 27.71 17.35 0.44
C SER A 268 27.01 17.67 1.75
N ASP A 269 26.93 18.95 2.09
CA ASP A 269 26.18 19.31 3.26
C ASP A 269 24.81 19.83 2.82
N CYS A 270 23.76 19.22 3.35
CA CYS A 270 22.39 19.57 3.05
C CYS A 270 21.65 19.54 4.37
N GLU A 271 20.95 20.60 4.74
CA GLU A 271 19.95 20.46 5.79
C GLU A 271 19.12 19.15 5.60
N GLN A 272 18.25 19.17 4.60
CA GLN A 272 17.26 18.14 4.47
C GLN A 272 18.00 16.84 4.38
N CYS A 273 18.76 16.70 3.30
CA CYS A 273 19.52 15.52 3.11
C CYS A 273 20.13 15.02 4.43
N THR A 274 20.84 15.88 5.14
CA THR A 274 21.48 15.43 6.36
C THR A 274 20.48 14.91 7.37
N ALA A 275 19.57 15.80 7.76
CA ALA A 275 18.54 15.50 8.76
C ALA A 275 17.82 14.24 8.40
N ARG A 276 17.67 14.03 7.11
CA ARG A 276 16.82 12.97 6.73
C ARG A 276 17.54 11.64 6.92
N ARG A 277 18.83 11.62 6.64
CA ARG A 277 19.65 10.46 6.91
C ARG A 277 19.75 10.31 8.42
N ARG A 278 19.62 11.40 9.14
CA ARG A 278 19.69 11.31 10.58
C ARG A 278 18.54 10.47 11.08
N MET A 279 17.31 10.77 10.67
CA MET A 279 16.11 10.09 11.19
C MET A 279 16.04 8.63 10.74
N GLN A 280 16.27 8.39 9.47
CA GLN A 280 16.37 7.01 9.02
C GLN A 280 17.42 6.18 9.77
N LYS A 281 18.54 6.81 10.10
CA LYS A 281 19.66 6.06 10.66
C LYS A 281 19.28 5.57 12.03
N LYS A 282 18.52 6.39 12.73
CA LYS A 282 17.95 5.99 13.97
C LYS A 282 17.01 4.79 13.84
N TYR A 283 16.37 4.59 12.70
CA TYR A 283 15.62 3.36 12.49
C TYR A 283 16.51 2.18 12.17
N LEU A 284 17.25 2.27 11.08
CA LEU A 284 18.28 1.27 10.74
C LEU A 284 19.03 0.67 11.93
N ASP A 285 19.71 1.53 12.68
CA ASP A 285 20.37 1.13 13.93
C ASP A 285 19.51 0.15 14.72
N GLN A 286 18.26 0.51 14.91
CA GLN A 286 17.32 -0.36 15.60
C GLN A 286 17.06 -1.65 14.85
N ILE A 287 16.80 -1.54 13.56
CA ILE A 287 16.60 -2.74 12.80
C ILE A 287 17.75 -3.71 12.99
N GLU A 288 18.99 -3.24 12.92
CA GLU A 288 20.08 -4.21 13.05
C GLU A 288 20.25 -4.68 14.48
N GLU A 289 19.95 -3.82 15.43
CA GLU A 289 20.16 -4.25 16.80
C GLU A 289 19.21 -5.36 17.12
N LEU A 290 18.18 -5.47 16.33
CA LEU A 290 17.13 -6.40 16.65
C LEU A 290 17.11 -7.68 15.84
N TYR A 291 17.59 -7.62 14.60
CA TYR A 291 17.45 -8.72 13.69
C TYR A 291 18.82 -9.08 13.12
N ASP A 292 19.77 -8.21 13.42
CA ASP A 292 21.19 -8.41 13.16
C ASP A 292 21.64 -9.85 13.07
N GLU A 293 21.29 -10.65 14.07
CA GLU A 293 21.89 -11.93 14.18
C GLU A 293 21.09 -13.02 13.57
N GLU A 294 19.83 -12.81 13.27
CA GLU A 294 19.12 -13.86 12.55
C GLU A 294 18.40 -13.43 11.31
N PHE A 295 18.74 -12.26 10.80
CA PHE A 295 18.31 -11.87 9.47
C PHE A 295 19.43 -11.27 8.67
N ASN A 296 19.42 -11.56 7.38
CA ASN A 296 20.17 -10.76 6.46
C ASN A 296 19.42 -9.49 6.28
N VAL A 297 20.07 -8.37 6.65
CA VAL A 297 19.44 -7.05 6.53
C VAL A 297 20.07 -6.31 5.35
N VAL A 298 19.48 -6.43 4.18
CA VAL A 298 19.98 -5.70 3.02
C VAL A 298 19.63 -4.20 3.07
N LYS A 299 20.35 -3.36 2.34
CA LYS A 299 20.05 -1.92 2.48
C LYS A 299 20.03 -1.22 1.12
N MET A 300 18.90 -1.10 0.47
CA MET A 300 18.90 -0.52 -0.85
C MET A 300 18.81 0.96 -0.73
N PRO A 301 19.58 1.68 -1.58
CA PRO A 301 19.55 3.14 -1.60
C PRO A 301 18.37 3.63 -2.40
N LEU A 302 17.88 4.81 -2.03
CA LEU A 302 16.85 5.49 -2.77
C LEU A 302 17.42 6.07 -4.05
N LEU A 303 16.86 5.71 -5.19
CA LEU A 303 17.40 6.24 -6.44
C LEU A 303 16.63 7.47 -6.97
N VAL A 304 17.26 8.26 -7.83
CA VAL A 304 16.58 9.44 -8.28
C VAL A 304 15.42 9.12 -9.22
N GLU A 305 15.57 8.11 -10.06
CA GLU A 305 14.42 7.74 -10.88
C GLU A 305 13.71 6.45 -10.43
N GLU A 306 12.49 6.24 -10.91
CA GLU A 306 11.79 5.03 -10.50
C GLU A 306 12.66 3.92 -11.05
N VAL A 307 12.69 2.78 -10.39
CA VAL A 307 13.34 1.62 -10.95
C VAL A 307 12.37 0.90 -11.89
N ARG A 308 12.49 1.13 -13.19
CA ARG A 308 11.64 0.44 -14.17
C ARG A 308 12.42 -0.07 -15.37
N GLY A 309 11.86 -1.06 -16.04
CA GLY A 309 12.52 -1.60 -17.21
C GLY A 309 13.58 -2.61 -16.82
N LYS A 310 13.92 -3.47 -17.76
CA LYS A 310 14.85 -4.53 -17.49
C LYS A 310 16.12 -3.94 -16.93
N GLU A 311 16.63 -2.93 -17.62
CA GLU A 311 17.94 -2.42 -17.34
C GLU A 311 18.03 -1.88 -15.93
N ARG A 312 17.29 -0.81 -15.67
CA ARG A 312 17.32 -0.28 -14.33
C ARG A 312 17.01 -1.38 -13.30
N LEU A 313 16.11 -2.30 -13.56
CA LEU A 313 15.85 -3.21 -12.49
C LEU A 313 17.05 -4.09 -12.26
N GLU A 314 17.70 -4.52 -13.33
CA GLU A 314 18.95 -5.28 -13.16
C GLU A 314 20.01 -4.59 -12.30
N LYS A 315 20.33 -3.34 -12.62
CA LYS A 315 21.31 -2.65 -11.81
C LYS A 315 20.89 -2.63 -10.38
N PHE A 316 19.65 -2.30 -10.13
CA PHE A 316 19.19 -2.27 -8.77
C PHE A 316 19.42 -3.63 -8.12
N SER A 317 19.02 -4.73 -8.76
CA SER A 317 19.10 -6.05 -8.14
C SER A 317 20.52 -6.43 -7.72
N GLU A 318 21.51 -5.98 -8.47
CA GLU A 318 22.88 -6.25 -8.09
C GLU A 318 23.16 -5.88 -6.64
N MET A 319 22.56 -4.79 -6.18
CA MET A 319 22.80 -4.32 -4.82
C MET A 319 22.19 -5.22 -3.73
N LEU A 320 21.21 -6.03 -4.15
CA LEU A 320 20.60 -7.06 -3.34
C LEU A 320 21.70 -8.11 -2.99
N ILE A 321 22.64 -8.33 -3.87
CA ILE A 321 23.56 -9.43 -3.68
C ILE A 321 24.96 -8.92 -3.32
N LYS A 322 25.29 -7.73 -3.79
CA LYS A 322 26.47 -7.06 -3.28
C LYS A 322 26.10 -5.82 -2.58
N PRO A 323 26.47 -5.75 -1.30
CA PRO A 323 26.08 -4.66 -0.49
C PRO A 323 26.53 -3.35 -1.13
N PHE A 324 25.60 -2.40 -1.17
CA PHE A 324 25.89 -1.05 -1.55
C PHE A 324 26.56 -0.42 -0.36
N VAL A 325 27.72 0.19 -0.59
CA VAL A 325 28.39 0.87 0.51
C VAL A 325 29.23 2.01 -0.02
N PRO A 326 28.69 3.22 0.04
CA PRO A 326 29.34 4.42 -0.42
C PRO A 326 29.86 5.11 0.79
N PRO A 327 31.08 5.63 0.72
CA PRO A 327 31.74 6.29 1.86
C PRO A 327 30.82 7.16 2.76
N GLU A 328 30.95 7.02 4.09
CA GLU A 328 30.14 7.79 5.07
C GLU A 328 30.73 9.16 5.45
N SER B 2 -8.59 27.81 -13.97
CA SER B 2 -7.76 27.08 -12.98
C SER B 2 -8.36 27.15 -11.57
N MET B 3 -7.90 26.30 -10.67
CA MET B 3 -8.59 26.12 -9.41
C MET B 3 -7.71 26.26 -8.17
N GLU B 4 -8.19 26.99 -7.18
CA GLU B 4 -7.44 27.15 -5.94
C GLU B 4 -6.84 25.80 -5.48
N PRO B 5 -5.50 25.75 -5.32
CA PRO B 5 -4.78 24.55 -4.91
C PRO B 5 -4.94 24.23 -3.42
N THR B 6 -6.19 24.14 -2.96
CA THR B 6 -6.52 23.94 -1.54
C THR B 6 -7.85 23.21 -1.31
N LEU B 7 -8.07 22.73 -0.09
CA LEU B 7 -9.29 22.00 0.17
C LEU B 7 -10.33 22.91 0.79
N GLN B 8 -10.15 24.21 0.62
CA GLN B 8 -11.11 25.16 1.16
C GLN B 8 -12.54 24.74 0.79
N SER B 9 -12.72 24.28 -0.45
CA SER B 9 -14.06 23.96 -0.95
C SER B 9 -14.72 22.85 -0.19
N ILE B 10 -13.93 21.88 0.27
CA ILE B 10 -14.48 20.83 1.09
C ILE B 10 -15.01 21.42 2.37
N LEU B 11 -14.23 22.32 2.97
CA LEU B 11 -14.71 23.04 4.13
C LEU B 11 -16.02 23.79 3.86
N ASP B 12 -16.12 24.42 2.69
CA ASP B 12 -17.28 25.27 2.35
C ASP B 12 -18.55 24.53 1.96
N GLN B 13 -18.39 23.32 1.46
CA GLN B 13 -19.52 22.52 1.01
C GLN B 13 -20.13 21.70 2.14
N ARG B 14 -20.99 22.35 2.90
CA ARG B 14 -21.51 21.79 4.13
C ARG B 14 -22.45 20.61 4.02
N SER B 15 -23.01 20.37 2.84
CA SER B 15 -23.89 19.22 2.66
C SER B 15 -23.09 17.94 2.78
N LEU B 16 -21.79 18.03 2.49
CA LEU B 16 -20.96 16.84 2.48
C LEU B 16 -21.12 16.07 3.77
N ARG B 17 -21.42 14.79 3.60
CA ARG B 17 -21.66 13.89 4.70
C ARG B 17 -20.63 12.76 4.69
N TRP B 18 -20.22 12.34 3.49
CA TRP B 18 -19.22 11.30 3.31
C TRP B 18 -18.06 11.77 2.45
N ILE B 19 -16.90 11.91 3.05
CA ILE B 19 -15.69 12.18 2.29
C ILE B 19 -14.72 10.98 2.29
N PHE B 20 -14.59 10.33 1.14
CA PHE B 20 -13.67 9.21 1.04
C PHE B 20 -12.25 9.63 0.65
N VAL B 21 -11.26 9.01 1.27
CA VAL B 21 -9.88 9.31 0.92
C VAL B 21 -9.24 8.07 0.32
N GLY B 22 -8.71 8.21 -0.89
CA GLY B 22 -8.18 7.05 -1.63
C GLY B 22 -6.84 7.28 -2.30
N GLY B 23 -6.24 6.22 -2.84
CA GLY B 23 -4.88 6.30 -3.38
C GLY B 23 -4.11 4.99 -3.24
N LYS B 24 -3.03 4.83 -3.99
CA LYS B 24 -2.12 3.68 -3.80
C LYS B 24 -1.60 3.53 -2.39
N GLY B 25 -1.10 2.35 -2.10
CA GLY B 25 -0.54 2.09 -0.80
C GLY B 25 0.64 3.01 -0.53
N GLY B 26 0.63 3.68 0.61
CA GLY B 26 1.81 4.37 1.03
C GLY B 26 1.78 5.85 0.78
N VAL B 27 0.89 6.30 -0.09
CA VAL B 27 0.94 7.71 -0.53
C VAL B 27 0.64 8.71 0.57
N GLY B 28 -0.01 8.24 1.63
CA GLY B 28 -0.31 9.10 2.78
C GLY B 28 -1.80 9.32 2.89
N LYS B 29 -2.54 8.23 2.72
CA LYS B 29 -4.00 8.29 2.82
C LYS B 29 -4.43 8.68 4.24
N THR B 30 -3.97 7.91 5.22
CA THR B 30 -4.29 8.21 6.59
C THR B 30 -3.84 9.64 6.95
N THR B 31 -2.54 9.90 6.78
CA THR B 31 -2.02 11.17 7.16
C THR B 31 -3.00 12.20 6.70
N THR B 32 -3.54 12.03 5.50
CA THR B 32 -4.44 13.03 4.93
C THR B 32 -5.81 13.03 5.61
N SER B 33 -6.44 11.86 5.65
CA SER B 33 -7.73 11.72 6.33
C SER B 33 -7.64 12.42 7.68
N CYS B 34 -6.64 12.07 8.46
CA CYS B 34 -6.47 12.73 9.73
C CYS B 34 -6.43 14.25 9.58
N SER B 35 -5.53 14.71 8.73
CA SER B 35 -5.42 16.14 8.52
C SER B 35 -6.76 16.74 8.19
N LEU B 36 -7.39 16.18 7.15
CA LEU B 36 -8.64 16.72 6.68
C LEU B 36 -9.70 16.83 7.78
N ALA B 37 -9.84 15.80 8.60
CA ALA B 37 -10.86 15.82 9.62
C ALA B 37 -10.57 16.89 10.67
N ILE B 38 -9.29 17.04 10.99
CA ILE B 38 -8.88 18.10 11.89
C ILE B 38 -9.32 19.43 11.32
N GLN B 39 -9.14 19.64 10.03
CA GLN B 39 -9.54 20.90 9.48
C GLN B 39 -11.06 21.07 9.52
N LEU B 40 -11.79 20.03 9.16
CA LEU B 40 -13.25 20.08 9.12
C LEU B 40 -13.81 20.25 10.49
N ALA B 41 -13.27 19.48 11.42
CA ALA B 41 -13.69 19.53 12.80
C ALA B 41 -13.63 20.96 13.35
N LYS B 42 -12.91 21.81 12.64
CA LYS B 42 -12.70 23.16 13.06
C LYS B 42 -13.90 24.03 12.67
N VAL B 43 -14.67 23.55 11.69
CA VAL B 43 -15.78 24.30 11.12
C VAL B 43 -17.02 23.41 10.89
N ARG B 44 -17.23 22.45 11.76
CA ARG B 44 -18.46 21.65 11.74
C ARG B 44 -18.84 21.41 13.15
N ARG B 45 -20.06 20.94 13.34
CA ARG B 45 -20.55 20.62 14.66
C ARG B 45 -19.80 19.44 15.26
N SER B 46 -19.46 18.47 14.42
CA SER B 46 -18.71 17.29 14.84
C SER B 46 -18.29 16.50 13.59
N VAL B 47 -17.22 15.73 13.73
CA VAL B 47 -16.65 15.01 12.62
C VAL B 47 -16.16 13.65 13.08
N LEU B 48 -16.47 12.63 12.28
CA LEU B 48 -16.09 11.29 12.61
C LEU B 48 -15.02 10.88 11.65
N LEU B 49 -13.97 10.27 12.18
CA LEU B 49 -12.90 9.77 11.36
C LEU B 49 -12.99 8.25 11.44
N LEU B 50 -13.32 7.62 10.33
CA LEU B 50 -13.67 6.23 10.35
C LEU B 50 -12.70 5.48 9.49
N SER B 51 -11.95 4.54 10.08
CA SER B 51 -10.96 3.74 9.34
C SER B 51 -11.36 2.31 9.19
N THR B 52 -11.20 1.80 7.98
CA THR B 52 -11.49 0.41 7.71
C THR B 52 -10.29 -0.49 7.51
N ASP B 53 -9.08 0.04 7.36
CA ASP B 53 -7.91 -0.86 7.24
C ASP B 53 -8.12 -2.00 8.24
N PRO B 54 -8.06 -3.26 7.77
CA PRO B 54 -8.05 -4.43 8.66
C PRO B 54 -7.10 -4.28 9.90
N ALA B 55 -5.91 -3.73 9.66
CA ALA B 55 -5.05 -3.17 10.72
C ALA B 55 -5.47 -1.71 10.79
N HIS B 56 -5.16 -1.00 11.87
CA HIS B 56 -5.48 0.42 11.79
C HIS B 56 -4.38 1.32 12.25
N ASN B 57 -4.17 2.29 11.39
CA ASN B 57 -3.18 3.27 11.60
C ASN B 57 -3.78 4.57 12.11
N LEU B 58 -5.07 4.57 12.36
CA LEU B 58 -5.69 5.71 12.99
C LEU B 58 -5.13 5.90 14.37
N SER B 59 -5.04 4.82 15.14
CA SER B 59 -4.52 4.92 16.48
C SER B 59 -3.05 5.27 16.40
N ASP B 60 -2.34 4.63 15.49
CA ASP B 60 -0.91 4.88 15.37
C ASP B 60 -0.68 6.34 15.02
N ALA B 61 -1.60 6.91 14.23
CA ALA B 61 -1.46 8.28 13.79
C ALA B 61 -1.53 9.25 14.93
N PHE B 62 -2.34 8.94 15.95
CA PHE B 62 -2.64 9.88 17.00
C PHE B 62 -2.14 9.37 18.31
N SER B 63 -1.40 8.27 18.27
CA SER B 63 -0.95 7.61 19.50
C SER B 63 -2.07 7.55 20.53
N GLN B 64 -3.18 6.95 20.13
CA GLN B 64 -4.33 6.79 21.01
C GLN B 64 -5.13 5.59 20.55
N LYS B 65 -5.56 4.79 21.50
CA LYS B 65 -6.20 3.55 21.17
C LYS B 65 -7.60 3.87 20.64
N PHE B 66 -7.92 3.47 19.41
CA PHE B 66 -9.30 3.56 18.93
C PHE B 66 -9.91 2.19 18.72
N GLY B 67 -11.21 2.16 18.44
CA GLY B 67 -11.93 0.89 18.40
C GLY B 67 -13.21 1.00 17.60
N LYS B 68 -14.01 -0.06 17.67
CA LYS B 68 -15.22 -0.14 16.88
C LYS B 68 -16.22 0.78 17.53
N GLU B 69 -15.80 1.36 18.64
CA GLU B 69 -16.59 2.26 19.44
C GLU B 69 -16.05 3.67 19.21
N ALA B 70 -16.86 4.57 18.69
CA ALA B 70 -16.34 5.90 18.41
C ALA B 70 -15.86 6.52 19.71
N ARG B 71 -14.86 7.37 19.62
CA ARG B 71 -14.51 8.18 20.77
C ARG B 71 -13.87 9.48 20.39
N LEU B 72 -13.76 10.35 21.38
CA LEU B 72 -13.25 11.68 21.15
C LEU B 72 -11.73 11.65 21.02
N VAL B 73 -11.21 12.29 19.99
CA VAL B 73 -9.77 12.31 19.83
C VAL B 73 -9.15 13.24 20.85
N GLU B 74 -8.23 12.73 21.65
CA GLU B 74 -7.64 13.56 22.72
C GLU B 74 -7.13 14.88 22.16
N GLY B 75 -7.57 15.97 22.78
CA GLY B 75 -7.13 17.29 22.37
C GLY B 75 -8.16 18.03 21.55
N PHE B 76 -9.26 17.36 21.26
CA PHE B 76 -10.36 17.95 20.51
C PHE B 76 -11.60 17.66 21.31
N ASP B 77 -12.67 18.41 21.08
CA ASP B 77 -13.91 18.11 21.80
C ASP B 77 -14.99 17.90 20.77
N ASN B 78 -14.53 17.81 19.53
CA ASN B 78 -15.37 17.89 18.37
C ASN B 78 -15.15 16.73 17.40
N LEU B 79 -13.99 16.09 17.52
CA LEU B 79 -13.55 15.07 16.58
C LEU B 79 -13.58 13.69 17.20
N TYR B 80 -14.05 12.70 16.45
CA TYR B 80 -14.12 11.33 16.96
C TYR B 80 -13.50 10.41 15.94
N ALA B 81 -13.05 9.25 16.38
CA ALA B 81 -12.50 8.27 15.46
C ALA B 81 -12.88 6.86 15.86
N MET B 82 -13.11 6.02 14.88
CA MET B 82 -13.32 4.63 15.18
C MET B 82 -12.62 3.76 14.17
N GLU B 83 -12.33 2.53 14.60
CA GLU B 83 -11.69 1.56 13.73
C GLU B 83 -12.48 0.28 13.70
N ILE B 84 -12.96 -0.11 12.52
CA ILE B 84 -13.79 -1.31 12.41
C ILE B 84 -13.29 -2.35 11.42
N ASP B 85 -14.05 -3.45 11.34
CA ASP B 85 -13.87 -4.49 10.31
C ASP B 85 -15.19 -5.01 9.70
N PRO B 86 -15.58 -4.49 8.51
CA PRO B 86 -16.79 -4.94 7.82
C PRO B 86 -17.10 -6.41 8.04
N ILE B 121 -18.52 -11.68 -3.74
CA ILE B 121 -19.78 -11.10 -4.17
C ILE B 121 -20.60 -10.65 -2.96
N ASP B 122 -20.06 -10.82 -1.76
CA ASP B 122 -20.83 -10.50 -0.55
C ASP B 122 -19.97 -10.11 0.66
N GLU B 123 -18.67 -9.93 0.43
CA GLU B 123 -17.78 -9.35 1.44
C GLU B 123 -18.03 -7.85 1.55
N ALA B 124 -19.14 -7.41 0.98
CA ALA B 124 -19.45 -5.98 0.87
C ALA B 124 -20.92 -5.68 1.19
N MET B 125 -21.69 -6.72 1.49
CA MET B 125 -23.02 -6.53 2.06
C MET B 125 -22.85 -5.97 3.47
N SER B 126 -21.95 -6.59 4.22
CA SER B 126 -21.61 -6.13 5.56
C SER B 126 -21.09 -4.69 5.56
N PHE B 127 -20.27 -4.37 4.57
CA PHE B 127 -19.78 -3.00 4.42
C PHE B 127 -20.92 -1.99 4.25
N ALA B 128 -21.95 -2.34 3.48
CA ALA B 128 -23.07 -1.45 3.24
C ALA B 128 -23.84 -1.15 4.51
N GLU B 129 -23.95 -2.15 5.37
CA GLU B 129 -24.68 -1.98 6.60
C GLU B 129 -24.05 -0.98 7.53
N VAL B 130 -22.74 -1.10 7.71
CA VAL B 130 -22.01 -0.11 8.48
C VAL B 130 -22.47 1.29 8.12
N LEU B 131 -22.39 1.60 6.83
CA LEU B 131 -22.74 2.95 6.38
C LEU B 131 -24.14 3.31 6.83
N LYS B 132 -25.10 2.46 6.50
CA LYS B 132 -26.47 2.77 6.85
C LYS B 132 -26.54 3.05 8.32
N GLN B 133 -26.07 2.10 9.12
CA GLN B 133 -26.12 2.33 10.55
C GLN B 133 -25.39 3.62 10.89
N VAL B 134 -24.15 3.78 10.41
CA VAL B 134 -23.37 4.97 10.73
C VAL B 134 -24.01 6.24 10.21
N ASN B 135 -24.70 6.14 9.08
CA ASN B 135 -25.32 7.32 8.53
C ASN B 135 -26.47 7.78 9.41
N SER B 136 -26.97 6.88 10.25
CA SER B 136 -28.02 7.26 11.20
C SER B 136 -27.45 7.96 12.45
N LEU B 137 -26.13 7.95 12.62
CA LEU B 137 -25.50 8.66 13.74
C LEU B 137 -25.50 10.18 13.51
N SER B 138 -25.30 10.95 14.57
CA SER B 138 -25.43 12.41 14.48
C SER B 138 -24.14 13.18 14.13
N TYR B 139 -23.16 12.50 13.54
CA TYR B 139 -21.92 13.17 13.15
C TYR B 139 -22.19 13.99 11.89
N GLU B 140 -21.84 15.27 11.88
CA GLU B 140 -22.18 16.10 10.74
C GLU B 140 -21.45 15.65 9.49
N THR B 141 -20.19 15.26 9.66
CA THR B 141 -19.38 14.87 8.53
C THR B 141 -18.53 13.63 8.81
N ILE B 142 -18.36 12.80 7.80
CA ILE B 142 -17.57 11.58 7.96
C ILE B 142 -16.41 11.49 6.97
N VAL B 143 -15.21 11.28 7.49
CA VAL B 143 -14.04 11.14 6.64
C VAL B 143 -13.58 9.70 6.70
N PHE B 144 -13.75 8.98 5.59
CA PHE B 144 -13.41 7.56 5.54
C PHE B 144 -11.98 7.38 5.09
N ASP B 145 -11.25 6.56 5.82
CA ASP B 145 -9.89 6.25 5.48
C ASP B 145 -9.98 4.82 5.00
N THR B 146 -9.58 4.51 3.76
CA THR B 146 -9.88 3.12 3.30
C THR B 146 -8.81 2.29 2.54
N ALA B 147 -8.94 0.96 2.66
CA ALA B 147 -8.03 -0.01 2.03
C ALA B 147 -7.98 0.14 0.50
N PRO B 148 -6.77 0.16 -0.09
CA PRO B 148 -6.55 0.64 -1.46
C PRO B 148 -7.55 0.16 -2.50
N THR B 149 -7.79 1.04 -3.47
CA THR B 149 -8.93 0.93 -4.36
C THR B 149 -9.42 -0.51 -4.51
N GLY B 150 -8.54 -1.48 -4.25
CA GLY B 150 -8.93 -2.89 -4.31
C GLY B 150 -10.33 -3.13 -3.77
N HIS B 151 -10.57 -2.75 -2.50
CA HIS B 151 -11.85 -2.98 -1.82
C HIS B 151 -12.84 -1.81 -2.01
N THR B 152 -12.29 -0.61 -2.05
CA THR B 152 -13.05 0.56 -2.46
C THR B 152 -13.76 0.21 -3.78
N LEU B 153 -12.94 0.18 -4.85
CA LEU B 153 -13.38 -0.10 -6.22
C LEU B 153 -14.23 -1.36 -6.32
N ARG B 154 -14.02 -2.29 -5.40
CA ARG B 154 -14.82 -3.50 -5.39
C ARG B 154 -16.20 -3.16 -4.89
N PHE B 155 -16.31 -2.33 -3.86
CA PHE B 155 -17.65 -2.00 -3.42
C PHE B 155 -18.50 -1.43 -4.56
N LEU B 156 -18.02 -0.37 -5.19
CA LEU B 156 -18.72 0.18 -6.35
C LEU B 156 -19.14 -0.93 -7.29
N GLN B 157 -18.16 -1.71 -7.76
CA GLN B 157 -18.41 -2.86 -8.64
C GLN B 157 -19.74 -3.52 -8.29
N PHE B 158 -20.17 -3.30 -7.05
CA PHE B 158 -21.30 -4.01 -6.47
C PHE B 158 -22.66 -3.53 -6.98
N PRO B 159 -23.08 -2.32 -6.57
CA PRO B 159 -24.38 -1.89 -7.07
C PRO B 159 -24.52 -2.27 -8.54
N THR B 160 -23.65 -1.73 -9.39
CA THR B 160 -23.71 -1.97 -10.84
C THR B 160 -23.58 -3.43 -11.26
N VAL B 161 -23.42 -4.36 -10.30
CA VAL B 161 -23.38 -5.79 -10.64
C VAL B 161 -24.67 -6.53 -10.24
N LEU B 162 -25.26 -6.16 -9.10
CA LEU B 162 -26.43 -6.86 -8.57
C LEU B 162 -27.59 -6.79 -9.53
N GLU B 163 -27.80 -5.60 -10.08
CA GLU B 163 -28.84 -5.44 -11.09
C GLU B 163 -30.18 -5.32 -10.39
N MET B 200 -37.88 -13.79 1.00
CA MET B 200 -38.42 -13.06 -0.14
C MET B 200 -38.16 -11.53 -0.10
N GLU B 201 -38.93 -10.78 0.68
CA GLU B 201 -38.70 -9.34 0.75
C GLU B 201 -37.34 -9.08 1.38
N LYS B 202 -36.65 -10.16 1.74
CA LYS B 202 -35.30 -10.04 2.27
C LYS B 202 -34.30 -9.97 1.11
N LEU B 203 -34.79 -10.23 -0.11
CA LEU B 203 -34.04 -9.95 -1.33
C LEU B 203 -34.24 -8.49 -1.68
N ASP B 204 -35.47 -8.14 -2.03
CA ASP B 204 -35.85 -6.74 -2.22
C ASP B 204 -35.15 -5.87 -1.15
N SER B 205 -35.45 -6.15 0.12
CA SER B 205 -35.01 -5.30 1.24
C SER B 205 -33.52 -4.99 1.22
N LEU B 206 -32.69 -6.02 1.10
CA LEU B 206 -31.28 -5.74 0.95
C LEU B 206 -31.11 -4.78 -0.22
N ARG B 207 -31.32 -5.30 -1.44
CA ARG B 207 -31.07 -4.50 -2.64
C ARG B 207 -31.52 -3.06 -2.45
N VAL B 208 -32.81 -2.88 -2.16
CA VAL B 208 -33.32 -1.55 -1.89
C VAL B 208 -32.25 -0.77 -1.15
N THR B 209 -31.84 -1.31 -0.01
CA THR B 209 -30.89 -0.65 0.89
C THR B 209 -29.57 -0.22 0.20
N ILE B 210 -29.12 -1.00 -0.77
CA ILE B 210 -28.01 -0.62 -1.64
C ILE B 210 -28.47 0.53 -2.53
N SER B 211 -29.61 0.34 -3.16
CA SER B 211 -30.22 1.38 -3.98
C SER B 211 -29.99 2.70 -3.31
N GLU B 212 -30.48 2.81 -2.08
CA GLU B 212 -30.33 4.05 -1.33
C GLU B 212 -28.87 4.44 -1.19
N VAL B 213 -28.09 3.62 -0.50
CA VAL B 213 -26.69 3.92 -0.36
C VAL B 213 -26.20 4.41 -1.70
N ASN B 214 -26.32 3.57 -2.72
CA ASN B 214 -25.83 3.94 -4.03
C ASN B 214 -26.22 5.35 -4.46
N ALA B 215 -27.50 5.70 -4.34
CA ALA B 215 -27.92 7.04 -4.73
C ALA B 215 -27.09 8.04 -3.94
N GLN B 216 -26.88 7.71 -2.67
CA GLN B 216 -26.12 8.55 -1.73
C GLN B 216 -24.75 8.89 -2.31
N PHE B 217 -24.05 7.85 -2.78
CA PHE B 217 -22.76 7.99 -3.39
C PHE B 217 -22.76 8.89 -4.59
N LYS B 218 -23.79 8.73 -5.41
CA LYS B 218 -23.86 9.48 -6.66
C LYS B 218 -24.41 10.88 -6.42
N ASP B 219 -24.86 11.14 -5.18
CA ASP B 219 -25.34 12.48 -4.85
C ASP B 219 -24.18 13.38 -4.54
N GLU B 220 -23.88 14.29 -5.46
CA GLU B 220 -22.64 15.03 -5.34
C GLU B 220 -22.65 16.00 -4.18
N ARG B 221 -23.81 16.22 -3.57
CA ARG B 221 -23.87 17.14 -2.43
C ARG B 221 -23.46 16.40 -1.17
N LEU B 222 -23.65 15.08 -1.19
CA LEU B 222 -23.42 14.24 -0.01
C LEU B 222 -22.06 13.53 0.01
N THR B 223 -21.47 13.28 -1.16
CA THR B 223 -20.28 12.47 -1.25
C THR B 223 -19.23 12.97 -2.25
N THR B 224 -17.94 12.95 -1.86
CA THR B 224 -16.84 13.14 -2.80
C THR B 224 -15.74 12.22 -2.42
N PHE B 225 -14.76 12.18 -3.32
CA PHE B 225 -13.53 11.49 -3.09
C PHE B 225 -12.40 12.45 -3.17
N VAL B 226 -11.43 12.25 -2.30
CA VAL B 226 -10.17 12.95 -2.39
C VAL B 226 -9.14 11.97 -2.87
N CYS B 227 -8.40 12.33 -3.90
CA CYS B 227 -7.35 11.42 -4.34
C CYS B 227 -6.00 11.84 -3.80
N VAL B 228 -5.27 10.87 -3.27
CA VAL B 228 -3.96 11.17 -2.76
C VAL B 228 -2.96 10.42 -3.63
N CYS B 229 -1.87 11.08 -3.99
CA CYS B 229 -0.80 10.38 -4.68
C CYS B 229 0.49 11.09 -4.44
N ILE B 230 1.56 10.47 -4.91
CA ILE B 230 2.88 11.11 -4.89
C ILE B 230 3.30 11.25 -6.33
N PRO B 231 4.41 11.91 -6.59
CA PRO B 231 4.79 12.13 -7.97
C PRO B 231 5.65 11.00 -8.53
N GLU B 232 5.17 9.77 -8.43
CA GLU B 232 5.82 8.69 -9.13
C GLU B 232 4.83 8.03 -10.09
N PHE B 233 5.36 7.25 -11.02
CA PHE B 233 4.59 6.75 -12.14
C PHE B 233 3.36 5.98 -11.72
N LEU B 234 3.55 4.95 -10.91
CA LEU B 234 2.48 4.02 -10.58
C LEU B 234 1.35 4.71 -9.85
N SER B 235 1.71 5.65 -8.99
CA SER B 235 0.73 6.37 -8.20
C SER B 235 -0.16 7.21 -9.09
N LEU B 236 0.42 8.06 -9.94
CA LEU B 236 -0.35 8.88 -10.87
C LEU B 236 -1.23 8.04 -11.74
N TYR B 237 -0.67 6.94 -12.24
CA TYR B 237 -1.42 6.05 -13.09
C TYR B 237 -2.68 5.58 -12.38
N GLU B 238 -2.53 5.11 -11.16
CA GLU B 238 -3.67 4.63 -10.45
C GLU B 238 -4.67 5.76 -10.16
N THR B 239 -4.16 6.94 -9.89
CA THR B 239 -5.01 8.10 -9.73
C THR B 239 -5.83 8.41 -10.98
N GLU B 240 -5.22 8.21 -12.14
CA GLU B 240 -6.01 8.35 -13.33
C GLU B 240 -7.12 7.31 -13.38
N ARG B 241 -6.79 6.05 -13.16
CA ARG B 241 -7.80 5.02 -13.24
C ARG B 241 -8.90 5.32 -12.26
N MET B 242 -8.54 5.76 -11.07
CA MET B 242 -9.54 5.95 -10.05
C MET B 242 -10.49 7.05 -10.48
N ILE B 243 -9.93 8.19 -10.90
CA ILE B 243 -10.72 9.32 -11.33
C ILE B 243 -11.71 8.84 -12.36
N GLN B 244 -11.21 8.00 -13.25
CA GLN B 244 -12.00 7.45 -14.33
C GLN B 244 -13.10 6.48 -13.90
N GLU B 245 -12.84 5.71 -12.85
CA GLU B 245 -13.83 4.82 -12.31
C GLU B 245 -14.93 5.66 -11.69
N LEU B 246 -14.55 6.57 -10.81
CA LEU B 246 -15.53 7.36 -10.11
C LEU B 246 -16.46 8.00 -11.11
N ALA B 247 -15.89 8.54 -12.18
CA ALA B 247 -16.69 9.07 -13.24
C ALA B 247 -17.69 8.00 -13.68
N ASN B 248 -17.20 6.84 -14.09
CA ASN B 248 -18.08 5.84 -14.65
C ASN B 248 -19.21 5.54 -13.71
N TYR B 249 -18.90 5.55 -12.42
CA TYR B 249 -19.89 5.23 -11.39
C TYR B 249 -20.74 6.44 -11.02
N GLY B 250 -20.35 7.59 -11.55
CA GLY B 250 -21.05 8.84 -11.28
C GLY B 250 -20.82 9.30 -9.86
N ILE B 251 -19.65 9.00 -9.32
CA ILE B 251 -19.31 9.52 -8.00
C ILE B 251 -18.43 10.73 -8.16
N ASP B 252 -18.74 11.77 -7.42
CA ASP B 252 -18.05 13.03 -7.59
C ASP B 252 -16.63 13.03 -7.04
N THR B 253 -15.72 13.64 -7.77
CA THR B 253 -14.40 13.86 -7.23
C THR B 253 -13.82 15.09 -7.84
N HIS B 254 -13.20 15.90 -7.02
CA HIS B 254 -12.64 17.16 -7.51
C HIS B 254 -11.42 17.66 -6.72
N CYS B 255 -10.73 16.74 -6.03
CA CYS B 255 -9.56 17.12 -5.28
C CYS B 255 -8.47 16.12 -5.42
N ILE B 256 -7.30 16.60 -5.78
CA ILE B 256 -6.12 15.75 -5.73
C ILE B 256 -5.16 16.35 -4.74
N VAL B 257 -4.63 15.50 -3.89
CA VAL B 257 -3.59 15.89 -2.96
C VAL B 257 -2.31 15.24 -3.45
N VAL B 258 -1.37 16.05 -3.89
CA VAL B 258 -0.10 15.50 -4.30
C VAL B 258 0.85 15.64 -3.14
N ASN B 259 1.16 14.50 -2.53
CA ASN B 259 1.88 14.49 -1.29
C ASN B 259 3.36 14.23 -1.44
N GLN B 260 4.11 14.39 -0.35
CA GLN B 260 5.52 14.11 -0.31
C GLN B 260 6.35 14.80 -1.37
N LEU B 261 6.00 16.03 -1.73
CA LEU B 261 6.83 16.82 -2.64
C LEU B 261 8.12 17.29 -1.98
N LEU B 262 9.24 17.05 -2.63
CA LEU B 262 10.49 17.53 -2.10
C LEU B 262 10.68 18.92 -2.71
N PHE B 263 10.68 19.94 -1.87
CA PHE B 263 11.05 21.27 -2.31
C PHE B 263 12.50 21.53 -1.85
N PRO B 264 13.49 21.52 -2.76
CA PRO B 264 14.80 21.85 -2.22
C PRO B 264 14.73 23.21 -1.56
N LYS B 265 15.62 23.45 -0.60
CA LYS B 265 15.76 24.81 -0.04
C LYS B 265 16.51 25.73 -0.97
N PRO B 266 16.04 26.97 -1.08
CA PRO B 266 16.44 27.97 -2.05
C PRO B 266 17.89 28.35 -1.84
N GLY B 267 18.66 28.32 -2.93
CA GLY B 267 20.07 28.67 -2.94
C GLY B 267 20.87 27.42 -2.51
N SER B 268 20.16 26.41 -2.04
CA SER B 268 20.78 25.13 -1.64
C SER B 268 20.96 24.33 -2.89
N ASP B 269 22.21 24.03 -3.23
CA ASP B 269 22.47 23.20 -4.38
C ASP B 269 22.78 21.79 -3.88
N CYS B 270 21.99 20.83 -4.34
CA CYS B 270 22.17 19.44 -3.97
C CYS B 270 21.98 18.63 -5.22
N GLU B 271 22.85 17.71 -5.53
CA GLU B 271 22.50 16.94 -6.69
C GLU B 271 21.22 16.20 -6.48
N GLN B 272 21.19 15.36 -5.45
CA GLN B 272 20.01 14.53 -5.21
C GLN B 272 18.82 15.41 -5.08
N CYS B 273 18.85 16.25 -4.07
CA CYS B 273 17.77 17.19 -3.87
C CYS B 273 17.31 17.85 -5.18
N THR B 274 18.23 18.44 -5.94
CA THR B 274 17.83 19.08 -7.19
C THR B 274 17.20 18.10 -8.14
N ALA B 275 17.96 17.08 -8.51
CA ALA B 275 17.52 16.07 -9.47
C ALA B 275 16.17 15.48 -9.08
N ARG B 276 15.93 15.44 -7.79
CA ARG B 276 14.73 14.83 -7.29
C ARG B 276 13.55 15.69 -7.56
N ARG B 277 13.73 16.97 -7.31
CA ARG B 277 12.71 17.94 -7.58
C ARG B 277 12.53 18.02 -9.07
N ARG B 278 13.59 17.74 -9.80
CA ARG B 278 13.48 17.80 -11.23
C ARG B 278 12.47 16.78 -11.70
N MET B 279 12.59 15.54 -11.21
CA MET B 279 11.75 14.43 -11.71
C MET B 279 10.30 14.55 -11.28
N GLN B 280 10.09 14.88 -10.01
CA GLN B 280 8.74 15.12 -9.51
C GLN B 280 8.07 16.25 -10.27
N LYS B 281 8.83 17.27 -10.62
CA LYS B 281 8.24 18.46 -11.20
C LYS B 281 7.68 18.09 -12.54
N LYS B 282 8.33 17.14 -13.20
CA LYS B 282 7.84 16.65 -14.46
C LYS B 282 6.51 15.91 -14.31
N TYR B 283 6.25 15.36 -13.13
CA TYR B 283 4.94 14.75 -12.87
C TYR B 283 3.91 15.84 -12.55
N LEU B 284 4.21 16.63 -11.53
CA LEU B 284 3.41 17.78 -11.16
C LEU B 284 2.86 18.57 -12.36
N ASP B 285 3.79 19.09 -13.14
CA ASP B 285 3.41 19.76 -14.36
C ASP B 285 2.25 19.04 -15.04
N GLN B 286 2.41 17.74 -15.20
CA GLN B 286 1.42 16.94 -15.91
C GLN B 286 0.13 16.85 -15.13
N ILE B 287 0.24 16.65 -13.83
CA ILE B 287 -0.97 16.61 -13.05
C ILE B 287 -1.82 17.87 -13.26
N GLU B 288 -1.19 19.03 -13.28
CA GLU B 288 -1.96 20.23 -13.38
C GLU B 288 -2.45 20.45 -14.79
N GLU B 289 -1.66 20.04 -15.76
CA GLU B 289 -2.06 20.28 -17.12
C GLU B 289 -3.30 19.48 -17.40
N LEU B 290 -3.51 18.44 -16.60
CA LEU B 290 -4.61 17.53 -16.84
C LEU B 290 -5.84 17.75 -15.98
N TYR B 291 -5.65 18.24 -14.77
CA TYR B 291 -6.73 18.28 -13.81
C TYR B 291 -6.89 19.71 -13.28
N ASP B 292 -5.92 20.53 -13.63
CA ASP B 292 -5.93 21.95 -13.38
C ASP B 292 -7.29 22.59 -13.27
N GLU B 293 -8.17 22.27 -14.20
CA GLU B 293 -9.39 23.04 -14.35
C GLU B 293 -10.61 22.43 -13.70
N GLU B 294 -10.56 21.17 -13.32
CA GLU B 294 -11.68 20.64 -12.57
C GLU B 294 -11.28 19.88 -11.32
N PHE B 295 -10.08 20.16 -10.83
CA PHE B 295 -9.64 19.63 -9.55
C PHE B 295 -8.89 20.69 -8.77
N ASN B 296 -9.17 20.74 -7.48
CA ASN B 296 -8.26 21.42 -6.60
C ASN B 296 -7.02 20.55 -6.44
N VAL B 297 -5.88 21.07 -6.88
CA VAL B 297 -4.66 20.30 -6.78
C VAL B 297 -3.74 20.77 -5.64
N VAL B 298 -3.94 20.25 -4.44
CA VAL B 298 -3.12 20.66 -3.31
C VAL B 298 -1.73 20.09 -3.43
N LYS B 299 -0.75 20.68 -2.76
CA LYS B 299 0.60 20.18 -2.89
C LYS B 299 1.32 20.12 -1.57
N MET B 300 1.27 19.00 -0.85
CA MET B 300 1.94 18.88 0.44
C MET B 300 3.43 18.57 0.35
N PRO B 301 4.24 19.28 1.14
CA PRO B 301 5.68 19.05 1.12
C PRO B 301 6.07 17.83 1.94
N LEU B 302 7.15 17.20 1.52
CA LEU B 302 7.67 16.07 2.24
C LEU B 302 8.39 16.55 3.48
N LEU B 303 7.98 16.11 4.66
CA LEU B 303 8.64 16.56 5.90
C LEU B 303 9.75 15.62 6.38
N VAL B 304 10.71 16.14 7.13
CA VAL B 304 11.79 15.29 7.59
C VAL B 304 11.32 14.24 8.57
N GLU B 305 10.36 14.53 9.42
CA GLU B 305 9.88 13.47 10.30
C GLU B 305 8.49 12.98 9.89
N GLU B 306 8.11 11.81 10.37
CA GLU B 306 6.77 11.36 10.03
C GLU B 306 5.84 12.42 10.60
N VAL B 307 4.65 12.48 10.04
CA VAL B 307 3.59 13.30 10.60
C VAL B 307 2.73 12.51 11.61
N ARG B 308 3.08 12.60 12.90
CA ARG B 308 2.35 11.94 13.98
C ARG B 308 1.96 12.82 15.16
N GLY B 309 0.90 12.43 15.85
CA GLY B 309 0.51 13.13 17.05
C GLY B 309 -0.32 14.34 16.70
N LYS B 310 -1.12 14.77 17.67
CA LYS B 310 -2.03 15.85 17.40
C LYS B 310 -1.28 17.03 16.80
N GLU B 311 -0.18 17.41 17.44
CA GLU B 311 0.52 18.60 17.01
C GLU B 311 0.95 18.59 15.57
N ARG B 312 1.88 17.71 15.27
CA ARG B 312 2.40 17.69 13.94
C ARG B 312 1.29 17.52 12.90
N LEU B 313 0.23 16.78 13.21
CA LEU B 313 -0.81 16.60 12.19
C LEU B 313 -1.55 17.91 11.93
N GLU B 314 -1.82 18.65 13.00
CA GLU B 314 -2.48 19.93 12.85
C GLU B 314 -1.67 20.88 11.98
N LYS B 315 -0.38 21.00 12.26
CA LYS B 315 0.43 21.85 11.42
C LYS B 315 0.32 21.36 9.99
N PHE B 316 0.68 20.11 9.74
CA PHE B 316 0.55 19.58 8.41
C PHE B 316 -0.77 20.01 7.81
N SER B 317 -1.89 19.76 8.51
CA SER B 317 -3.22 20.01 7.94
C SER B 317 -3.46 21.46 7.46
N GLU B 318 -2.89 22.43 8.15
CA GLU B 318 -3.02 23.79 7.69
C GLU B 318 -2.65 23.92 6.21
N MET B 319 -1.65 23.17 5.78
CA MET B 319 -1.16 23.30 4.41
C MET B 319 -2.17 22.80 3.37
N LEU B 320 -3.05 21.92 3.80
CA LEU B 320 -4.19 21.48 3.01
C LEU B 320 -5.09 22.68 2.66
N ILE B 321 -5.20 23.64 3.57
CA ILE B 321 -6.18 24.70 3.40
C ILE B 321 -5.56 25.98 2.94
N LYS B 322 -4.34 26.24 3.34
CA LYS B 322 -3.75 27.37 2.72
C LYS B 322 -2.35 26.93 2.24
N PRO B 323 -2.17 27.13 0.93
CA PRO B 323 -1.13 26.58 0.07
C PRO B 323 0.26 26.83 0.61
N PHE B 324 1.02 25.78 0.63
CA PHE B 324 2.41 25.87 0.94
C PHE B 324 3.10 26.51 -0.25
N VAL B 325 3.91 27.51 0.00
CA VAL B 325 4.65 28.07 -1.10
C VAL B 325 5.91 28.73 -0.58
N PRO B 326 7.05 28.00 -0.67
CA PRO B 326 8.38 28.46 -0.34
C PRO B 326 9.10 28.86 -1.62
PG ANP C . 2.25 -1.64 -3.47
O1G ANP C . 1.15 -0.69 -3.93
O2G ANP C . 2.29 -2.98 -4.25
O3G ANP C . 2.37 -1.87 -1.96
PB ANP C . 5.17 -1.70 -3.69
O1B ANP C . 5.37 -2.07 -2.24
O2B ANP C . 5.18 -2.85 -4.69
N3B ANP C . 3.72 -0.77 -3.84
PA ANP C . 6.83 -0.68 -5.63
O1A ANP C . 7.72 -1.90 -5.91
O2A ANP C . 5.71 -0.43 -6.61
O3A ANP C . 6.26 -0.63 -4.14
O5' ANP C . 7.70 0.68 -5.55
C5' ANP C . 6.86 1.82 -5.73
C4' ANP C . 7.54 2.93 -6.52
O4' ANP C . 8.76 3.17 -5.87
C3' ANP C . 7.94 2.54 -7.90
O3' ANP C . 7.92 3.77 -8.58
C2' ANP C . 9.40 2.16 -7.77
O2' ANP C . 10.08 2.46 -8.98
C1' ANP C . 9.85 3.16 -6.76
N9 ANP C . 10.99 2.70 -5.95
C8 ANP C . 10.98 1.65 -5.07
N7 ANP C . 12.21 1.53 -4.46
C5 ANP C . 12.97 2.49 -4.96
C6 ANP C . 14.34 2.86 -4.72
N6 ANP C . 15.08 2.14 -3.81
N1 ANP C . 14.79 3.96 -5.41
C2 ANP C . 14.00 4.62 -6.26
N3 ANP C . 12.72 4.29 -6.53
C4 ANP C . 12.18 3.26 -5.91
MG MG D . 3.63 -3.89 -5.85
ZN ZN E . 19.73 17.47 -0.16
PG ANP F . -1.35 2.75 3.72
O1G ANP F . -0.36 1.56 3.93
O2G ANP F . -2.46 2.80 4.77
O3G ANP F . -1.89 2.94 2.29
PB ANP F . -0.97 5.69 3.89
O1B ANP F . -1.51 5.96 2.50
O2B ANP F . -1.97 5.85 5.04
N3B ANP F . -0.27 4.09 4.06
PA ANP F . 0.41 7.32 5.61
O1A ANP F . -0.79 8.31 5.72
O2A ANP F . 0.48 6.17 6.61
O3A ANP F . 0.32 6.67 4.11
O5' ANP F . 1.88 8.05 5.51
C5' ANP F . 2.97 7.14 5.30
C4' ANP F . 4.13 7.41 6.28
O4' ANP F . 4.84 8.63 5.94
C3' ANP F . 3.65 7.60 7.70
O3' ANP F . 4.82 7.36 8.54
C2' ANP F . 3.39 9.11 7.69
O2' ANP F . 3.45 9.66 9.01
C1' ANP F . 4.52 9.67 6.87
N9 ANP F . 4.12 10.76 5.95
C8 ANP F . 3.02 10.87 5.14
N7 ANP F . 3.09 12.04 4.39
C5 ANP F . 4.25 12.65 4.71
C6 ANP F . 4.96 13.88 4.28
N6 ANP F . 4.40 14.68 3.34
N1 ANP F . 6.17 14.18 4.87
C2 ANP F . 6.74 13.33 5.80
N3 ANP F . 6.16 12.17 6.23
C4 ANP F . 4.94 11.81 5.72
MG MG G . -3.50 4.58 5.74
#